data_1K8W
#
_entry.id   1K8W
#
_cell.length_a   145.054
_cell.length_b   40.361
_cell.length_c   77.987
_cell.angle_alpha   90.00
_cell.angle_beta   110.60
_cell.angle_gamma   90.00
#
_symmetry.space_group_name_H-M   'C 1 2 1'
#
loop_
_entity.id
_entity.type
_entity.pdbx_description
1 polymer "5'-R(*GP*GP*CP*AP*AP*CP*GP*GP*UP*(FHU)P*CP*GP*AP*UP*CP*CP*CP*GP*UP*UP*GP*C)-3'"
2 polymer 'tRNA Pseudouridine Synthase B'
3 non-polymer 'SULFATE ION'
4 water water
#
loop_
_entity_poly.entity_id
_entity_poly.type
_entity_poly.pdbx_seq_one_letter_code
_entity_poly.pdbx_strand_id
1 'polyribonucleotide' GGCAACGGU(FHU)CGAUCCCGUUGC B
2 'polypeptide(L)'
;MGHHHHHHHHHHSSGHIEGRHMDINGVLLLDKPQGMSSNDALQKVKRIYNANRAGHTGALDPLATGMLPICLGEATKFSQ
YLLDSDKRYRVIARLGQRTDTSDADGQIVEERPVTFSAEQLAAALDTFRGDIEQIPSMYSALKYQGKKLYEYARQGIEVP
REARPITVYELLFIRHEGNELELEIHCSKGTYIRTIIDDLGEKLGCGAHVIYLRRLAVSKYPVERMVTLEHLRELVEQAE
QQDIPAAELLDPLLMPMDSPASDYPVVNLPLTSSVYFKNGNPVRTSGAPLEGLVRVTEGENGKFIGMGEIDDEGRVAPRR
LVVEYPA
;
A
#
loop_
_chem_comp.id
_chem_comp.type
_chem_comp.name
_chem_comp.formula
A RNA linking ADENOSINE-5'-MONOPHOSPHATE 'C10 H14 N5 O7 P'
C RNA linking CYTIDINE-5'-MONOPHOSPHATE 'C9 H14 N3 O8 P'
FHU RNA linking (5S,6R)-5-FLUORO-6-HYDROXY-PSEUDOURIDINE-5'-MONOPHOSPHATE 'C9 H14 F N2 O10 P'
G RNA linking GUANOSINE-5'-MONOPHOSPHATE 'C10 H14 N5 O8 P'
SO4 non-polymer 'SULFATE ION' 'O4 S -2'
U RNA linking URIDINE-5'-MONOPHOSPHATE 'C9 H13 N2 O9 P'
#
# COMPACT_ATOMS: atom_id res chain seq x y z
N1 FHU A 10 8.38 3.22 5.38
C2 FHU A 10 8.53 4.59 5.83
N3 FHU A 10 7.41 5.47 5.58
C4 FHU A 10 6.51 5.23 4.47
C5 FHU A 10 6.09 3.79 4.43
C6 FHU A 10 7.41 2.95 4.34
O2 FHU A 10 9.51 4.96 6.44
O4 FHU A 10 5.55 5.99 4.39
C1' FHU A 10 5.48 3.18 5.67
C2' FHU A 10 4.28 3.97 6.28
O2' FHU A 10 4.79 4.86 7.25
C3' FHU A 10 3.40 2.87 6.86
C4' FHU A 10 3.81 1.57 6.18
O3' FHU A 10 3.32 2.80 8.28
O4' FHU A 10 5.16 1.79 5.69
C5' FHU A 10 2.93 1.19 5.02
O5' FHU A 10 3.21 -0.14 4.60
P FHU A 10 2.11 -1.01 3.85
OP1 FHU A 10 1.80 -0.35 2.55
OP2 FHU A 10 2.52 -2.43 3.86
F5 FHU A 10 5.32 3.54 3.27
O6 FHU A 10 7.99 3.33 3.12
N MET B 22 -26.24 3.21 -6.78
CA MET B 22 -25.22 2.84 -7.80
C MET B 22 -23.86 3.45 -7.45
N ASP B 23 -23.28 3.01 -6.35
CA ASP B 23 -21.97 3.51 -5.93
C ASP B 23 -20.89 2.95 -6.85
N ILE B 24 -19.78 3.67 -6.96
CA ILE B 24 -18.69 3.24 -7.84
C ILE B 24 -17.78 2.22 -7.16
N ASN B 25 -17.45 1.15 -7.88
CA ASN B 25 -16.58 0.10 -7.35
C ASN B 25 -15.29 -0.01 -8.16
N GLY B 26 -14.15 0.06 -7.48
CA GLY B 26 -12.88 -0.03 -8.18
C GLY B 26 -11.71 0.44 -7.35
N VAL B 27 -10.52 0.42 -7.96
CA VAL B 27 -9.31 0.84 -7.28
C VAL B 27 -8.63 1.97 -8.05
N LEU B 28 -8.38 3.08 -7.36
CA LEU B 28 -7.72 4.23 -7.97
C LEU B 28 -6.29 4.24 -7.45
N LEU B 29 -5.33 4.23 -8.36
CA LEU B 29 -3.93 4.26 -7.98
C LEU B 29 -3.49 5.71 -7.91
N LEU B 30 -3.63 6.30 -6.73
CA LEU B 30 -3.27 7.70 -6.53
C LEU B 30 -1.79 7.91 -6.27
N ASP B 31 -1.27 9.02 -6.78
CA ASP B 31 0.11 9.41 -6.54
C ASP B 31 -0.10 10.41 -5.41
N LYS B 32 0.20 10.02 -4.18
CA LYS B 32 -0.03 10.92 -3.04
C LYS B 32 0.81 12.18 -3.06
N PRO B 33 0.17 13.35 -2.91
CA PRO B 33 0.85 14.65 -2.90
C PRO B 33 1.80 14.73 -1.70
N GLN B 34 2.93 15.42 -1.87
CA GLN B 34 3.87 15.55 -0.77
C GLN B 34 3.29 16.43 0.32
N GLY B 35 3.52 16.05 1.58
CA GLY B 35 3.03 16.82 2.71
C GLY B 35 1.63 16.48 3.17
N MET B 36 0.90 15.72 2.36
CA MET B 36 -0.47 15.36 2.71
C MET B 36 -0.54 13.99 3.39
N SER B 37 -1.40 13.86 4.40
CA SER B 37 -1.53 12.58 5.09
C SER B 37 -2.29 11.65 4.14
N SER B 38 -2.11 10.35 4.32
CA SER B 38 -2.79 9.39 3.47
C SER B 38 -4.30 9.45 3.65
N ASN B 39 -4.75 9.70 4.88
CA ASN B 39 -6.18 9.80 5.12
C ASN B 39 -6.75 11.00 4.39
N ASP B 40 -6.06 12.14 4.49
CA ASP B 40 -6.52 13.35 3.82
C ASP B 40 -6.59 13.16 2.30
N ALA B 41 -5.63 12.45 1.74
CA ALA B 41 -5.63 12.20 0.30
C ALA B 41 -6.80 11.28 -0.04
N LEU B 42 -7.01 10.27 0.79
CA LEU B 42 -8.11 9.32 0.59
C LEU B 42 -9.46 10.02 0.62
N GLN B 43 -9.67 10.90 1.59
CA GLN B 43 -10.94 11.60 1.70
C GLN B 43 -11.22 12.51 0.52
N LYS B 44 -10.18 13.15 -0.01
CA LYS B 44 -10.37 14.03 -1.16
C LYS B 44 -10.79 13.20 -2.37
N VAL B 45 -10.16 12.04 -2.54
CA VAL B 45 -10.49 11.16 -3.65
C VAL B 45 -11.90 10.61 -3.49
N LYS B 46 -12.26 10.25 -2.25
CA LYS B 46 -13.59 9.73 -1.98
C LYS B 46 -14.64 10.74 -2.42
N ARG B 47 -14.37 12.02 -2.15
CA ARG B 47 -15.31 13.07 -2.52
C ARG B 47 -15.32 13.30 -4.02
N ILE B 48 -14.16 13.29 -4.63
CA ILE B 48 -14.06 13.49 -6.08
C ILE B 48 -14.90 12.44 -6.81
N TYR B 49 -14.89 11.21 -6.30
CA TYR B 49 -15.66 10.13 -6.93
C TYR B 49 -17.06 10.00 -6.34
N ASN B 50 -17.39 10.87 -5.39
CA ASN B 50 -18.70 10.85 -4.74
C ASN B 50 -19.02 9.43 -4.29
N ALA B 51 -18.03 8.76 -3.72
CA ALA B 51 -18.19 7.38 -3.26
C ALA B 51 -18.78 7.33 -1.85
N ASN B 52 -19.47 6.23 -1.55
CA ASN B 52 -20.07 6.06 -0.24
C ASN B 52 -19.06 5.48 0.74
N ARG B 53 -18.16 4.66 0.22
CA ARG B 53 -17.14 4.02 1.06
C ARG B 53 -15.78 4.01 0.34
N ALA B 54 -14.72 4.30 1.09
CA ALA B 54 -13.38 4.31 0.51
C ALA B 54 -12.31 4.08 1.56
N GLY B 55 -11.26 3.37 1.19
CA GLY B 55 -10.17 3.11 2.10
C GLY B 55 -8.90 2.98 1.30
N HIS B 56 -7.75 3.16 1.93
CA HIS B 56 -6.50 2.99 1.20
C HIS B 56 -5.88 1.66 1.65
N THR B 57 -4.92 1.15 0.88
CA THR B 57 -4.31 -0.15 1.20
C THR B 57 -2.91 -0.13 1.81
N GLY B 58 -2.55 0.96 2.47
CA GLY B 58 -1.24 1.06 3.08
C GLY B 58 -0.80 2.50 3.08
N ALA B 59 -0.66 3.10 4.26
CA ALA B 59 -0.28 4.50 4.36
C ALA B 59 1.14 4.84 3.94
N LEU B 60 1.31 6.10 3.55
CA LEU B 60 2.61 6.65 3.16
C LEU B 60 2.76 7.86 4.07
N ASP B 61 3.98 8.14 4.53
CA ASP B 61 4.20 9.29 5.39
C ASP B 61 3.86 10.57 4.65
N PRO B 62 3.56 11.65 5.39
CA PRO B 62 3.23 12.93 4.75
C PRO B 62 4.37 13.36 3.82
N LEU B 63 5.60 13.15 4.23
CA LEU B 63 6.75 13.54 3.41
C LEU B 63 6.85 12.73 2.11
N ALA B 64 6.36 11.51 2.13
CA ALA B 64 6.43 10.63 0.96
C ALA B 64 5.40 10.93 -0.13
N THR B 65 5.68 10.43 -1.33
CA THR B 65 4.77 10.57 -2.45
C THR B 65 4.70 9.17 -3.05
N GLY B 66 3.90 8.99 -4.09
CA GLY B 66 3.83 7.68 -4.69
C GLY B 66 2.52 6.96 -4.60
N MET B 67 2.54 5.72 -5.05
CA MET B 67 1.35 4.89 -5.11
C MET B 67 0.62 4.60 -3.81
N LEU B 68 -0.61 5.10 -3.75
CA LEU B 68 -1.48 4.91 -2.61
C LEU B 68 -2.77 4.37 -3.21
N PRO B 69 -2.91 3.04 -3.26
CA PRO B 69 -4.13 2.44 -3.83
C PRO B 69 -5.35 2.78 -2.99
N ILE B 70 -6.36 3.34 -3.65
N ILE B 70 -6.37 3.34 -3.64
CA ILE B 70 -7.60 3.72 -2.99
CA ILE B 70 -7.59 3.72 -2.94
C ILE B 70 -8.73 2.82 -3.45
C ILE B 70 -8.75 2.85 -3.43
N CYS B 71 -9.26 2.02 -2.53
CA CYS B 71 -10.37 1.13 -2.85
C CYS B 71 -11.68 1.88 -2.68
N LEU B 72 -12.51 1.84 -3.72
CA LEU B 72 -13.79 2.52 -3.68
C LEU B 72 -14.93 1.51 -3.67
N GLY B 73 -15.98 1.82 -2.91
CA GLY B 73 -17.14 0.95 -2.84
C GLY B 73 -16.82 -0.47 -2.43
N GLU B 74 -17.35 -1.42 -3.19
CA GLU B 74 -17.15 -2.84 -2.91
C GLU B 74 -15.69 -3.27 -2.89
N ALA B 75 -14.82 -2.51 -3.55
CA ALA B 75 -13.40 -2.86 -3.58
C ALA B 75 -12.77 -2.83 -2.19
N THR B 76 -13.33 -2.06 -1.27
CA THR B 76 -12.74 -2.00 0.07
C THR B 76 -12.76 -3.36 0.76
N LYS B 77 -13.73 -4.20 0.37
CA LYS B 77 -13.86 -5.53 0.98
C LYS B 77 -12.63 -6.41 0.77
N PHE B 78 -11.83 -6.10 -0.24
CA PHE B 78 -10.66 -6.92 -0.54
C PHE B 78 -9.32 -6.20 -0.35
N SER B 79 -9.33 -5.17 0.48
CA SER B 79 -8.13 -4.38 0.73
C SER B 79 -7.02 -5.15 1.45
N GLN B 80 -7.38 -6.17 2.21
CA GLN B 80 -6.37 -6.93 2.95
C GLN B 80 -5.28 -7.53 2.04
N TYR B 81 -5.66 -7.95 0.83
CA TYR B 81 -4.69 -8.53 -0.09
C TYR B 81 -3.60 -7.54 -0.50
N LEU B 82 -3.93 -6.26 -0.51
CA LEU B 82 -2.95 -5.23 -0.88
C LEU B 82 -2.22 -4.76 0.36
N LEU B 83 -2.93 -4.73 1.49
CA LEU B 83 -2.32 -4.33 2.76
C LEU B 83 -1.19 -5.29 3.08
N ASP B 84 -1.35 -6.55 2.65
CA ASP B 84 -0.36 -7.58 2.91
C ASP B 84 0.62 -7.84 1.77
N SER B 85 0.52 -7.07 0.69
CA SER B 85 1.39 -7.28 -0.45
C SER B 85 2.75 -6.57 -0.35
N ASP B 86 3.60 -6.82 -1.34
CA ASP B 86 4.92 -6.21 -1.39
C ASP B 86 4.85 -4.79 -1.95
N LYS B 87 5.87 -4.00 -1.65
CA LYS B 87 5.95 -2.62 -2.13
C LYS B 87 7.38 -2.29 -2.52
N ARG B 88 7.56 -1.26 -3.33
CA ARG B 88 8.87 -0.83 -3.78
C ARG B 88 9.02 0.68 -3.58
N TYR B 89 10.12 1.09 -2.97
CA TYR B 89 10.38 2.50 -2.69
C TYR B 89 11.72 3.01 -3.20
N ARG B 90 11.77 4.32 -3.44
CA ARG B 90 13.01 4.96 -3.82
C ARG B 90 13.22 5.90 -2.64
N VAL B 91 14.39 5.85 -2.02
CA VAL B 91 14.62 6.71 -0.86
C VAL B 91 15.97 7.41 -0.90
N ILE B 92 16.00 8.64 -0.38
CA ILE B 92 17.24 9.38 -0.28
C ILE B 92 17.39 9.71 1.19
N ALA B 93 18.53 9.32 1.76
CA ALA B 93 18.79 9.59 3.17
C ALA B 93 19.84 10.68 3.30
N ARG B 94 19.73 11.48 4.37
CA ARG B 94 20.70 12.51 4.66
C ARG B 94 21.58 11.89 5.73
N LEU B 95 22.86 11.72 5.41
CA LEU B 95 23.83 11.13 6.33
C LEU B 95 24.41 12.18 7.27
N GLY B 96 24.66 11.78 8.52
CA GLY B 96 25.25 12.70 9.48
C GLY B 96 24.28 13.34 10.44
N GLN B 97 22.99 13.11 10.22
CA GLN B 97 21.95 13.69 11.07
C GLN B 97 20.86 12.66 11.35
N ARG B 98 20.54 12.49 12.63
CA ARG B 98 19.49 11.57 13.03
C ARG B 98 18.35 12.43 13.56
N THR B 99 17.10 12.06 13.25
CA THR B 99 15.95 12.82 13.74
C THR B 99 15.06 11.92 14.57
N ASP B 100 14.22 12.51 15.42
CA ASP B 100 13.34 11.74 16.27
C ASP B 100 12.30 10.93 15.50
N THR B 101 11.89 11.42 14.33
CA THR B 101 10.90 10.74 13.49
C THR B 101 11.56 9.84 12.44
N SER B 102 12.87 10.01 12.27
CA SER B 102 13.65 9.28 11.28
C SER B 102 13.48 9.88 9.89
N ASP B 103 12.79 11.02 9.79
CA ASP B 103 12.66 11.72 8.52
C ASP B 103 12.80 13.23 8.70
N ALA B 104 12.75 13.96 7.59
CA ALA B 104 12.94 15.42 7.60
C ALA B 104 11.87 16.23 8.33
N ASP B 105 10.74 15.62 8.66
CA ASP B 105 9.69 16.35 9.35
C ASP B 105 9.87 16.32 10.86
N GLY B 106 10.93 15.66 11.32
CA GLY B 106 11.20 15.59 12.74
C GLY B 106 12.26 16.58 13.17
N GLN B 107 12.73 16.44 14.40
CA GLN B 107 13.76 17.32 14.94
C GLN B 107 15.07 16.56 14.99
N ILE B 108 16.16 17.23 14.62
CA ILE B 108 17.48 16.60 14.65
C ILE B 108 17.83 16.32 16.11
N VAL B 109 18.22 15.07 16.40
CA VAL B 109 18.59 14.68 17.76
C VAL B 109 20.07 14.34 17.88
N GLU B 110 20.72 14.12 16.75
CA GLU B 110 22.15 13.80 16.73
C GLU B 110 22.76 14.24 15.42
N GLU B 111 23.99 14.76 15.50
CA GLU B 111 24.68 15.17 14.30
C GLU B 111 26.14 14.73 14.48
N ARG B 112 26.62 13.95 13.53
CA ARG B 112 27.98 13.43 13.58
C ARG B 112 28.65 13.45 12.22
N PRO B 113 29.99 13.38 12.18
CA PRO B 113 30.72 13.40 10.91
C PRO B 113 30.54 12.08 10.15
N VAL B 114 30.50 12.18 8.82
CA VAL B 114 30.35 11.01 7.96
C VAL B 114 31.76 10.51 7.68
N THR B 115 32.11 9.35 8.21
CA THR B 115 33.46 8.84 8.05
C THR B 115 33.60 7.41 7.55
N PHE B 116 32.48 6.76 7.24
CA PHE B 116 32.56 5.37 6.79
C PHE B 116 33.20 5.24 5.42
N SER B 117 33.73 4.05 5.15
CA SER B 117 34.40 3.76 3.87
C SER B 117 33.41 3.10 2.93
N ALA B 118 33.80 3.01 1.66
CA ALA B 118 32.95 2.38 0.66
C ALA B 118 32.68 0.92 1.02
N GLU B 119 33.69 0.24 1.56
CA GLU B 119 33.51 -1.17 1.95
C GLU B 119 32.54 -1.30 3.11
N GLN B 120 32.63 -0.37 4.06
CA GLN B 120 31.74 -0.40 5.21
C GLN B 120 30.29 -0.15 4.78
N LEU B 121 30.09 0.76 3.84
CA LEU B 121 28.74 1.06 3.36
C LEU B 121 28.20 -0.19 2.65
N ALA B 122 29.01 -0.78 1.80
CA ALA B 122 28.62 -1.98 1.07
C ALA B 122 28.19 -3.09 2.04
N ALA B 123 28.96 -3.27 3.11
CA ALA B 123 28.66 -4.30 4.10
C ALA B 123 27.37 -3.99 4.87
N ALA B 124 27.23 -2.72 5.28
CA ALA B 124 26.04 -2.31 6.02
C ALA B 124 24.77 -2.52 5.20
N LEU B 125 24.81 -2.13 3.92
CA LEU B 125 23.64 -2.30 3.07
C LEU B 125 23.25 -3.77 2.95
N ASP B 126 24.25 -4.64 2.87
CA ASP B 126 23.98 -6.05 2.73
C ASP B 126 23.26 -6.68 3.93
N THR B 127 23.43 -6.09 5.12
CA THR B 127 22.76 -6.64 6.30
C THR B 127 21.24 -6.44 6.24
N PHE B 128 20.79 -5.60 5.32
CA PHE B 128 19.36 -5.34 5.19
C PHE B 128 18.69 -6.14 4.08
N ARG B 129 19.46 -7.00 3.42
CA ARG B 129 18.90 -7.82 2.35
C ARG B 129 18.37 -9.15 2.87
N GLY B 130 17.23 -9.57 2.32
CA GLY B 130 16.64 -10.84 2.72
C GLY B 130 15.72 -10.73 3.92
N ASP B 131 15.59 -11.84 4.64
CA ASP B 131 14.74 -11.88 5.82
C ASP B 131 15.47 -11.22 6.98
N ILE B 132 14.88 -10.14 7.50
CA ILE B 132 15.49 -9.43 8.62
C ILE B 132 14.44 -9.13 9.66
N GLU B 133 14.87 -8.50 10.75
CA GLU B 133 13.98 -8.12 11.84
C GLU B 133 14.12 -6.62 12.06
N GLN B 134 13.05 -5.99 12.51
CA GLN B 134 13.05 -4.54 12.70
C GLN B 134 12.15 -4.11 13.85
N ILE B 135 12.61 -3.14 14.63
CA ILE B 135 11.80 -2.57 15.71
C ILE B 135 11.33 -1.22 15.12
N PRO B 136 10.04 -1.11 14.78
CA PRO B 136 9.49 0.11 14.19
C PRO B 136 9.61 1.37 15.05
N SER B 137 9.67 2.49 14.36
CA SER B 137 9.76 3.82 14.97
C SER B 137 8.50 4.07 15.79
N MET B 138 8.62 4.89 16.84
CA MET B 138 7.49 5.26 17.67
C MET B 138 6.55 6.11 16.82
N TYR B 139 7.07 6.66 15.73
CA TYR B 139 6.23 7.44 14.83
C TYR B 139 5.70 6.51 13.76
N SER B 140 4.63 5.79 14.12
CA SER B 140 3.99 4.84 13.24
C SER B 140 2.55 4.62 13.72
N ALA B 141 1.74 3.98 12.87
CA ALA B 141 0.34 3.73 13.19
C ALA B 141 0.11 2.36 13.83
N LEU B 142 1.19 1.71 14.28
CA LEU B 142 1.04 0.43 14.95
C LEU B 142 0.25 0.75 16.22
N LYS B 143 -0.52 -0.22 16.72
CA LYS B 143 -1.32 0.00 17.91
C LYS B 143 -0.72 -0.55 19.19
N TYR B 144 -0.95 0.17 20.27
CA TYR B 144 -0.48 -0.24 21.58
C TYR B 144 -1.59 0.13 22.57
N GLN B 145 -2.33 -0.86 23.02
CA GLN B 145 -3.42 -0.65 23.97
C GLN B 145 -4.48 0.32 23.46
N GLY B 146 -4.93 0.10 22.22
CA GLY B 146 -5.96 0.94 21.66
C GLY B 146 -5.55 2.28 21.08
N LYS B 147 -4.28 2.65 21.20
CA LYS B 147 -3.80 3.93 20.68
C LYS B 147 -2.64 3.75 19.69
N LYS B 148 -2.50 4.67 18.73
CA LYS B 148 -1.39 4.58 17.77
C LYS B 148 -0.09 4.99 18.45
N LEU B 149 1.01 4.38 18.03
CA LEU B 149 2.30 4.71 18.61
C LEU B 149 2.62 6.19 18.47
N TYR B 150 2.23 6.80 17.36
CA TYR B 150 2.54 8.21 17.19
C TYR B 150 1.83 9.09 18.21
N GLU B 151 0.73 8.60 18.78
CA GLU B 151 -0.01 9.35 19.79
C GLU B 151 0.86 9.44 21.05
N TYR B 152 1.51 8.34 21.39
CA TYR B 152 2.39 8.33 22.56
C TYR B 152 3.63 9.16 22.26
N ALA B 153 4.17 9.01 21.06
CA ALA B 153 5.36 9.74 20.66
C ALA B 153 5.22 11.24 20.85
N ARG B 154 4.11 11.79 20.37
CA ARG B 154 3.87 13.23 20.46
C ARG B 154 3.72 13.72 21.89
N GLN B 155 3.46 12.80 22.82
CA GLN B 155 3.30 13.14 24.23
C GLN B 155 4.63 12.91 24.95
N GLY B 156 5.66 12.56 24.19
CA GLY B 156 6.96 12.31 24.78
C GLY B 156 6.97 11.03 25.58
N ILE B 157 6.22 10.03 25.12
CA ILE B 157 6.15 8.75 25.81
C ILE B 157 6.61 7.62 24.91
N GLU B 158 7.58 6.85 25.36
CA GLU B 158 8.04 5.72 24.59
C GLU B 158 7.42 4.47 25.21
N VAL B 159 7.08 3.49 24.38
CA VAL B 159 6.52 2.24 24.86
C VAL B 159 7.31 1.11 24.24
N PRO B 160 7.27 -0.08 24.87
CA PRO B 160 8.00 -1.24 24.35
C PRO B 160 7.46 -1.71 23.01
N ARG B 161 8.35 -2.02 22.08
CA ARG B 161 7.95 -2.54 20.77
C ARG B 161 8.79 -3.78 20.48
N GLU B 162 8.15 -4.82 19.99
CA GLU B 162 8.86 -6.05 19.66
C GLU B 162 9.40 -5.94 18.24
N ALA B 163 10.49 -6.63 17.96
CA ALA B 163 11.04 -6.63 16.61
C ALA B 163 10.07 -7.43 15.75
N ARG B 164 9.90 -7.01 14.49
CA ARG B 164 8.98 -7.69 13.57
C ARG B 164 9.77 -8.21 12.39
N PRO B 165 9.39 -9.39 11.87
CA PRO B 165 10.11 -9.92 10.72
C PRO B 165 9.57 -9.33 9.42
N ILE B 166 10.48 -8.91 8.56
CA ILE B 166 10.12 -8.37 7.25
C ILE B 166 11.14 -8.90 6.25
N THR B 167 10.81 -8.82 4.98
CA THR B 167 11.72 -9.31 3.96
C THR B 167 12.05 -8.22 2.94
N VAL B 168 13.34 -8.04 2.69
CA VAL B 168 13.78 -7.08 1.69
C VAL B 168 14.16 -7.95 0.50
N TYR B 169 13.31 -7.96 -0.52
CA TYR B 169 13.55 -8.77 -1.72
C TYR B 169 14.67 -8.21 -2.57
N GLU B 170 14.84 -6.90 -2.53
CA GLU B 170 15.88 -6.26 -3.31
C GLU B 170 16.24 -4.91 -2.75
N LEU B 171 17.53 -4.62 -2.72
CA LEU B 171 18.03 -3.34 -2.24
C LEU B 171 19.10 -2.94 -3.26
N LEU B 172 18.82 -1.87 -3.99
CA LEU B 172 19.73 -1.38 -5.01
C LEU B 172 20.44 -0.13 -4.54
N PHE B 173 21.77 -0.14 -4.61
CA PHE B 173 22.54 1.03 -4.24
C PHE B 173 22.47 1.93 -5.46
N ILE B 174 21.91 3.14 -5.30
CA ILE B 174 21.83 4.05 -6.43
C ILE B 174 23.02 5.00 -6.46
N ARG B 175 23.27 5.68 -5.35
CA ARG B 175 24.39 6.62 -5.31
C ARG B 175 24.67 7.12 -3.90
N HIS B 176 25.90 7.56 -3.71
CA HIS B 176 26.36 8.15 -2.45
C HIS B 176 27.09 9.41 -2.89
N GLU B 177 26.44 10.56 -2.76
CA GLU B 177 27.06 11.82 -3.16
C GLU B 177 26.96 12.81 -2.01
N GLY B 178 28.11 13.28 -1.54
CA GLY B 178 28.12 14.22 -0.45
C GLY B 178 27.47 13.56 0.75
N ASN B 179 26.52 14.24 1.38
N ASN B 179 26.52 14.25 1.37
CA ASN B 179 25.84 13.67 2.54
CA ASN B 179 25.81 13.72 2.54
C ASN B 179 24.54 12.98 2.16
C ASN B 179 24.52 13.01 2.15
N GLU B 180 24.40 12.62 0.88
CA GLU B 180 23.20 11.94 0.41
C GLU B 180 23.45 10.50 -0.02
N LEU B 181 22.53 9.62 0.34
CA LEU B 181 22.60 8.20 -0.02
C LEU B 181 21.23 7.85 -0.61
N GLU B 182 21.22 7.36 -1.85
CA GLU B 182 19.98 6.98 -2.50
C GLU B 182 19.91 5.47 -2.75
N LEU B 183 18.78 4.88 -2.37
CA LEU B 183 18.58 3.45 -2.52
C LEU B 183 17.19 3.16 -3.06
N GLU B 184 17.02 1.96 -3.61
CA GLU B 184 15.71 1.53 -4.09
C GLU B 184 15.51 0.21 -3.37
N ILE B 185 14.39 0.09 -2.68
CA ILE B 185 14.08 -1.09 -1.89
C ILE B 185 12.76 -1.74 -2.22
N HIS B 186 12.79 -3.05 -2.45
CA HIS B 186 11.61 -3.85 -2.74
C HIS B 186 11.46 -4.70 -1.47
N CYS B 187 10.33 -4.53 -0.77
CA CYS B 187 10.12 -5.22 0.49
C CYS B 187 8.70 -5.74 0.75
N SER B 188 8.56 -6.50 1.83
CA SER B 188 7.27 -7.07 2.21
C SER B 188 6.45 -6.03 2.96
N LYS B 189 5.18 -6.35 3.20
CA LYS B 189 4.25 -5.45 3.88
C LYS B 189 4.71 -5.01 5.26
N GLY B 190 4.36 -3.78 5.62
CA GLY B 190 4.71 -3.24 6.92
C GLY B 190 6.18 -2.95 7.18
N THR B 191 6.97 -2.80 6.12
CA THR B 191 8.39 -2.49 6.26
C THR B 191 8.55 -0.99 6.44
N TYR B 192 9.28 -0.56 7.46
CA TYR B 192 9.51 0.87 7.66
C TYR B 192 10.85 1.27 7.05
N ILE B 193 10.77 2.00 5.94
CA ILE B 193 11.98 2.46 5.27
C ILE B 193 12.71 3.45 6.18
N ARG B 194 11.96 4.26 6.91
CA ARG B 194 12.56 5.22 7.84
C ARG B 194 13.42 4.50 8.87
N THR B 195 12.97 3.33 9.30
CA THR B 195 13.71 2.57 10.30
C THR B 195 14.92 1.89 9.69
N ILE B 196 14.80 1.44 8.44
CA ILE B 196 15.95 0.82 7.79
C ILE B 196 17.02 1.91 7.68
N ILE B 197 16.61 3.11 7.31
CA ILE B 197 17.54 4.24 7.16
C ILE B 197 18.12 4.66 8.51
N ASP B 198 17.27 4.77 9.54
CA ASP B 198 17.77 5.17 10.85
C ASP B 198 18.77 4.11 11.35
N ASP B 199 18.37 2.85 11.24
CA ASP B 199 19.23 1.74 11.67
C ASP B 199 20.54 1.75 10.87
N LEU B 200 20.44 1.99 9.57
CA LEU B 200 21.61 2.04 8.70
C LEU B 200 22.55 3.16 9.15
N GLY B 201 21.98 4.31 9.50
CA GLY B 201 22.78 5.43 9.94
C GLY B 201 23.61 5.05 11.15
N GLU B 202 23.02 4.30 12.07
CA GLU B 202 23.74 3.88 13.26
C GLU B 202 24.85 2.89 12.91
N LYS B 203 24.56 1.94 12.04
CA LYS B 203 25.56 0.95 11.61
C LYS B 203 26.73 1.66 10.93
N LEU B 204 26.43 2.76 10.24
CA LEU B 204 27.46 3.52 9.54
C LEU B 204 28.26 4.43 10.47
N GLY B 205 27.75 4.64 11.68
CA GLY B 205 28.44 5.47 12.65
C GLY B 205 28.25 6.98 12.52
N CYS B 206 27.36 7.40 11.63
CA CYS B 206 27.13 8.82 11.42
C CYS B 206 25.68 9.26 11.59
N GLY B 207 24.76 8.31 11.64
CA GLY B 207 23.36 8.65 11.78
C GLY B 207 22.77 9.00 10.42
N ALA B 208 21.46 8.86 10.26
CA ALA B 208 20.81 9.18 9.00
C ALA B 208 19.30 9.30 9.14
N HIS B 209 18.69 10.07 8.25
CA HIS B 209 17.24 10.20 8.24
C HIS B 209 16.75 10.40 6.81
N VAL B 210 15.50 10.06 6.58
CA VAL B 210 14.87 10.16 5.27
C VAL B 210 14.55 11.61 4.85
N ILE B 211 15.01 12.01 3.67
CA ILE B 211 14.72 13.35 3.17
C ILE B 211 13.90 13.27 1.89
N TYR B 212 13.80 12.07 1.33
CA TYR B 212 13.02 11.83 0.13
C TYR B 212 12.51 10.41 0.16
N LEU B 213 11.23 10.22 -0.12
CA LEU B 213 10.66 8.87 -0.12
C LEU B 213 9.49 8.83 -1.10
N ARG B 214 9.52 7.86 -2.00
CA ARG B 214 8.46 7.70 -2.98
C ARG B 214 8.18 6.24 -3.22
N ARG B 215 6.94 5.84 -3.07
CA ARG B 215 6.57 4.46 -3.32
C ARG B 215 6.33 4.33 -4.82
N LEU B 216 7.19 3.57 -5.47
CA LEU B 216 7.12 3.38 -6.91
C LEU B 216 6.02 2.43 -7.31
N ALA B 217 5.73 1.46 -6.45
CA ALA B 217 4.70 0.48 -6.75
C ALA B 217 4.22 -0.30 -5.54
N VAL B 218 3.03 -0.85 -5.70
CA VAL B 218 2.41 -1.70 -4.69
C VAL B 218 2.07 -2.95 -5.50
N SER B 219 2.55 -4.10 -5.04
CA SER B 219 2.29 -5.36 -5.73
C SER B 219 2.69 -5.24 -7.21
N LYS B 220 1.86 -5.79 -8.09
CA LYS B 220 2.16 -5.76 -9.53
C LYS B 220 1.38 -4.70 -10.31
N TYR B 221 0.85 -3.71 -9.61
CA TYR B 221 0.08 -2.65 -10.29
C TYR B 221 0.95 -1.86 -11.28
N PRO B 222 0.40 -1.57 -12.47
CA PRO B 222 1.12 -0.81 -13.51
C PRO B 222 1.33 0.63 -13.06
N VAL B 223 2.59 1.03 -12.91
CA VAL B 223 2.91 2.38 -12.48
C VAL B 223 2.32 3.42 -13.43
N GLU B 224 2.08 3.02 -14.67
CA GLU B 224 1.53 3.91 -15.68
C GLU B 224 0.06 4.24 -15.43
N ARG B 225 -0.58 3.50 -14.53
CA ARG B 225 -1.99 3.75 -14.24
C ARG B 225 -2.14 4.68 -13.03
N MET B 226 -1.01 5.06 -12.44
CA MET B 226 -1.02 5.96 -11.29
C MET B 226 -1.40 7.38 -11.75
N VAL B 227 -2.25 8.06 -10.98
N VAL B 227 -2.24 8.04 -10.96
CA VAL B 227 -2.66 9.41 -11.33
CA VAL B 227 -2.71 9.39 -11.29
C VAL B 227 -2.53 10.35 -10.14
C VAL B 227 -2.54 10.35 -10.13
N THR B 228 -2.10 11.58 -10.42
CA THR B 228 -1.91 12.57 -9.37
C THR B 228 -3.25 13.16 -8.96
N LEU B 229 -3.30 13.73 -7.76
CA LEU B 229 -4.54 14.34 -7.28
C LEU B 229 -4.87 15.51 -8.20
N GLU B 230 -3.84 16.24 -8.62
CA GLU B 230 -4.04 17.39 -9.50
C GLU B 230 -4.71 17.00 -10.81
N HIS B 231 -4.33 15.85 -11.35
CA HIS B 231 -4.92 15.39 -12.60
C HIS B 231 -6.40 15.09 -12.39
N LEU B 232 -6.75 14.53 -11.24
CA LEU B 232 -8.14 14.22 -10.95
C LEU B 232 -8.93 15.52 -10.95
N ARG B 233 -8.39 16.55 -10.33
CA ARG B 233 -9.08 17.84 -10.27
C ARG B 233 -9.19 18.49 -11.66
N GLU B 234 -8.20 18.26 -12.51
CA GLU B 234 -8.24 18.83 -13.86
C GLU B 234 -9.35 18.14 -14.66
N LEU B 235 -9.54 16.84 -14.43
CA LEU B 235 -10.58 16.09 -15.11
C LEU B 235 -11.96 16.56 -14.66
N VAL B 236 -12.10 16.81 -13.36
CA VAL B 236 -13.37 17.29 -12.83
C VAL B 236 -13.69 18.62 -13.50
N GLU B 237 -12.68 19.47 -13.60
CA GLU B 237 -12.84 20.78 -14.21
C GLU B 237 -13.21 20.63 -15.68
N GLN B 238 -12.56 19.71 -16.37
CA GLN B 238 -12.83 19.47 -17.78
C GLN B 238 -14.27 19.01 -18.01
N ALA B 239 -14.74 18.10 -17.15
CA ALA B 239 -16.09 17.59 -17.27
C ALA B 239 -17.10 18.72 -17.18
N GLU B 240 -16.89 19.64 -16.25
CA GLU B 240 -17.79 20.79 -16.10
C GLU B 240 -17.72 21.67 -17.34
N GLN B 241 -16.50 21.88 -17.84
N GLN B 241 -16.49 21.89 -17.83
CA GLN B 241 -16.27 22.70 -19.02
CA GLN B 241 -16.27 22.70 -19.02
C GLN B 241 -16.97 22.13 -20.24
C GLN B 241 -16.97 22.13 -20.23
N GLN B 242 -16.95 20.81 -20.37
CA GLN B 242 -17.59 20.14 -21.50
C GLN B 242 -19.03 19.73 -21.22
N ASP B 243 -19.52 20.10 -20.05
CA ASP B 243 -20.88 19.78 -19.64
C ASP B 243 -21.17 18.28 -19.74
N ILE B 244 -20.34 17.47 -19.10
CA ILE B 244 -20.54 16.03 -19.09
C ILE B 244 -20.33 15.54 -17.66
N PRO B 245 -20.88 14.36 -17.32
CA PRO B 245 -20.71 13.83 -15.96
C PRO B 245 -19.24 13.58 -15.68
N ALA B 246 -18.77 14.00 -14.51
CA ALA B 246 -17.37 13.80 -14.13
C ALA B 246 -17.00 12.32 -14.21
N ALA B 247 -17.98 11.46 -13.99
CA ALA B 247 -17.76 10.02 -14.03
C ALA B 247 -17.26 9.52 -15.38
N GLU B 248 -17.66 10.18 -16.46
N GLU B 248 -17.67 10.17 -16.46
CA GLU B 248 -17.24 9.77 -17.80
CA GLU B 248 -17.24 9.77 -17.80
C GLU B 248 -15.72 9.86 -17.96
C GLU B 248 -15.72 9.86 -17.95
N LEU B 249 -15.10 10.78 -17.23
CA LEU B 249 -13.66 10.96 -17.30
C LEU B 249 -12.94 10.30 -16.12
N LEU B 250 -13.63 10.18 -15.00
CA LEU B 250 -13.06 9.60 -13.79
C LEU B 250 -13.10 8.08 -13.70
N ASP B 251 -14.22 7.49 -14.06
CA ASP B 251 -14.38 6.04 -13.96
C ASP B 251 -13.38 5.20 -14.75
N PRO B 252 -12.96 5.66 -15.95
CA PRO B 252 -12.01 4.86 -16.72
C PRO B 252 -10.63 4.72 -16.05
N LEU B 253 -10.35 5.59 -15.08
CA LEU B 253 -9.06 5.55 -14.38
C LEU B 253 -8.96 4.40 -13.39
N LEU B 254 -10.10 3.84 -13.00
CA LEU B 254 -10.14 2.77 -12.01
C LEU B 254 -9.78 1.36 -12.48
N MET B 255 -9.10 0.62 -11.60
CA MET B 255 -8.75 -0.77 -11.89
C MET B 255 -9.98 -1.53 -11.37
N PRO B 256 -10.22 -2.74 -11.89
CA PRO B 256 -11.38 -3.53 -11.44
C PRO B 256 -11.45 -3.71 -9.92
N MET B 257 -12.67 -3.85 -9.40
CA MET B 257 -12.85 -4.02 -7.95
C MET B 257 -12.21 -5.31 -7.43
N ASP B 258 -11.99 -6.28 -8.31
CA ASP B 258 -11.38 -7.52 -7.86
C ASP B 258 -9.86 -7.54 -8.06
N SER B 259 -9.31 -6.47 -8.64
CA SER B 259 -7.87 -6.42 -8.88
C SER B 259 -7.02 -6.71 -7.63
N PRO B 260 -7.50 -6.31 -6.43
CA PRO B 260 -6.69 -6.59 -5.24
C PRO B 260 -6.47 -8.09 -5.02
N ALA B 261 -7.37 -8.91 -5.58
CA ALA B 261 -7.28 -10.36 -5.43
C ALA B 261 -6.77 -11.04 -6.70
N SER B 262 -6.13 -10.28 -7.58
CA SER B 262 -5.64 -10.82 -8.83
C SER B 262 -4.66 -11.99 -8.66
N ASP B 263 -3.98 -12.05 -7.52
CA ASP B 263 -3.03 -13.12 -7.27
C ASP B 263 -3.71 -14.48 -7.13
N TYR B 264 -4.97 -14.48 -6.72
CA TYR B 264 -5.70 -15.73 -6.53
C TYR B 264 -6.38 -16.28 -7.78
N PRO B 265 -6.48 -17.61 -7.89
CA PRO B 265 -7.11 -18.29 -9.01
C PRO B 265 -8.57 -17.90 -9.11
N VAL B 266 -9.10 -17.87 -10.33
CA VAL B 266 -10.49 -17.52 -10.54
C VAL B 266 -11.31 -18.76 -10.83
N VAL B 267 -12.49 -18.84 -10.23
CA VAL B 267 -13.39 -19.97 -10.43
C VAL B 267 -14.72 -19.43 -10.90
N ASN B 268 -15.22 -19.98 -12.01
CA ASN B 268 -16.48 -19.52 -12.57
C ASN B 268 -17.58 -20.52 -12.26
N LEU B 269 -18.74 -19.99 -11.88
CA LEU B 269 -19.90 -20.82 -11.54
C LEU B 269 -21.08 -20.50 -12.45
N PRO B 270 -21.79 -21.53 -12.92
CA PRO B 270 -22.94 -21.26 -13.78
C PRO B 270 -23.97 -20.60 -12.87
N LEU B 271 -24.81 -19.73 -13.41
CA LEU B 271 -25.82 -19.04 -12.61
C LEU B 271 -26.66 -19.99 -11.76
N THR B 272 -26.81 -21.23 -12.21
CA THR B 272 -27.59 -22.23 -11.48
C THR B 272 -26.90 -22.64 -10.18
N SER B 273 -25.61 -22.36 -10.09
CA SER B 273 -24.84 -22.70 -8.89
C SER B 273 -24.61 -21.46 -8.02
N SER B 274 -24.41 -20.32 -8.68
CA SER B 274 -24.15 -19.07 -7.96
C SER B 274 -25.33 -18.62 -7.09
N VAL B 275 -26.54 -19.00 -7.46
CA VAL B 275 -27.69 -18.59 -6.66
C VAL B 275 -27.59 -19.17 -5.25
N TYR B 276 -27.12 -20.40 -5.14
CA TYR B 276 -26.96 -21.04 -3.85
C TYR B 276 -25.75 -20.43 -3.15
N PHE B 277 -24.69 -20.20 -3.92
CA PHE B 277 -23.45 -19.61 -3.41
C PHE B 277 -23.73 -18.27 -2.73
N LYS B 278 -24.51 -17.43 -3.40
CA LYS B 278 -24.84 -16.12 -2.87
C LYS B 278 -25.79 -16.18 -1.67
N ASN B 279 -26.30 -17.36 -1.38
CA ASN B 279 -27.18 -17.55 -0.23
C ASN B 279 -26.37 -18.13 0.93
N GLY B 280 -25.05 -18.15 0.76
CA GLY B 280 -24.17 -18.64 1.80
C GLY B 280 -23.86 -20.13 1.76
N ASN B 281 -24.26 -20.80 0.69
CA ASN B 281 -24.03 -22.23 0.56
C ASN B 281 -22.79 -22.57 -0.26
N PRO B 282 -21.97 -23.51 0.24
CA PRO B 282 -20.77 -23.91 -0.49
C PRO B 282 -21.26 -24.68 -1.70
N VAL B 283 -20.56 -24.58 -2.83
CA VAL B 283 -20.98 -25.28 -4.04
C VAL B 283 -19.84 -26.01 -4.73
N ARG B 284 -20.18 -27.05 -5.49
CA ARG B 284 -19.18 -27.81 -6.22
C ARG B 284 -19.09 -27.31 -7.66
N THR B 285 -17.87 -27.28 -8.18
CA THR B 285 -17.65 -26.82 -9.55
C THR B 285 -16.49 -27.58 -10.18
N SER B 286 -16.49 -27.66 -11.51
CA SER B 286 -15.45 -28.36 -12.24
C SER B 286 -14.06 -27.83 -11.92
N GLY B 287 -13.70 -26.70 -12.52
CA GLY B 287 -12.40 -26.11 -12.29
C GLY B 287 -12.30 -25.42 -10.93
N ALA B 288 -11.69 -26.11 -9.97
CA ALA B 288 -11.53 -25.57 -8.64
C ALA B 288 -10.31 -26.16 -7.95
N PRO B 289 -9.42 -25.29 -7.43
CA PRO B 289 -8.20 -25.75 -6.74
C PRO B 289 -8.51 -26.62 -5.53
N LEU B 290 -7.49 -27.32 -5.04
CA LEU B 290 -7.66 -28.19 -3.89
C LEU B 290 -7.80 -27.41 -2.58
N GLU B 291 -7.38 -26.15 -2.60
CA GLU B 291 -7.48 -25.32 -1.40
C GLU B 291 -7.16 -23.85 -1.65
N GLY B 292 -7.18 -23.07 -0.58
CA GLY B 292 -6.89 -21.65 -0.69
C GLY B 292 -8.06 -20.79 -1.10
N LEU B 293 -7.83 -19.48 -1.15
CA LEU B 293 -8.86 -18.53 -1.54
C LEU B 293 -8.97 -18.51 -3.05
N VAL B 294 -10.14 -18.10 -3.56
CA VAL B 294 -10.36 -18.03 -5.00
C VAL B 294 -11.36 -16.92 -5.33
N ARG B 295 -11.17 -16.30 -6.49
CA ARG B 295 -12.10 -15.27 -6.94
C ARG B 295 -13.22 -16.04 -7.63
N VAL B 296 -14.46 -15.64 -7.38
CA VAL B 296 -15.60 -16.33 -7.98
C VAL B 296 -16.38 -15.44 -8.93
N THR B 297 -16.68 -15.97 -10.11
CA THR B 297 -17.45 -15.23 -11.12
C THR B 297 -18.71 -16.00 -11.50
N GLU B 298 -19.66 -15.29 -12.11
CA GLU B 298 -20.92 -15.89 -12.55
C GLU B 298 -21.02 -16.03 -14.07
N GLY B 299 -22.00 -16.82 -14.50
CA GLY B 299 -22.27 -17.06 -15.91
C GLY B 299 -21.18 -16.89 -16.95
N GLU B 300 -21.62 -16.55 -18.16
CA GLU B 300 -20.73 -16.36 -19.30
C GLU B 300 -20.00 -15.03 -19.25
N ASN B 301 -20.71 -13.98 -18.86
CA ASN B 301 -20.12 -12.64 -18.76
C ASN B 301 -18.96 -12.62 -17.77
N GLY B 302 -18.80 -13.71 -17.02
CA GLY B 302 -17.73 -13.80 -16.05
C GLY B 302 -17.73 -12.70 -15.00
N LYS B 303 -18.92 -12.36 -14.52
CA LYS B 303 -19.06 -11.31 -13.52
C LYS B 303 -18.51 -11.75 -12.16
N PHE B 304 -17.69 -10.89 -11.56
CA PHE B 304 -17.09 -11.17 -10.25
C PHE B 304 -18.16 -10.99 -9.17
N ILE B 305 -18.33 -11.99 -8.31
CA ILE B 305 -19.33 -11.88 -7.26
C ILE B 305 -18.71 -11.93 -5.86
N GLY B 306 -17.41 -12.13 -5.77
CA GLY B 306 -16.76 -12.16 -4.47
C GLY B 306 -15.69 -13.21 -4.28
N MET B 307 -15.19 -13.30 -3.05
CA MET B 307 -14.15 -14.27 -2.73
C MET B 307 -14.76 -15.55 -2.14
N GLY B 308 -14.17 -16.68 -2.51
CA GLY B 308 -14.61 -17.96 -2.00
C GLY B 308 -13.40 -18.67 -1.45
N GLU B 309 -13.61 -19.85 -0.88
CA GLU B 309 -12.51 -20.63 -0.31
C GLU B 309 -12.86 -22.11 -0.31
N ILE B 310 -11.94 -22.93 -0.80
CA ILE B 310 -12.18 -24.37 -0.84
C ILE B 310 -12.26 -24.92 0.58
N ASP B 311 -13.35 -25.61 0.88
CA ASP B 311 -13.56 -26.19 2.21
C ASP B 311 -13.09 -27.64 2.21
N ASP B 312 -13.35 -28.34 3.31
CA ASP B 312 -12.96 -29.74 3.44
C ASP B 312 -13.52 -30.60 2.30
N GLU B 313 -14.83 -30.49 2.06
CA GLU B 313 -15.48 -31.25 1.01
C GLU B 313 -14.99 -30.88 -0.38
N GLY B 314 -13.99 -29.99 -0.44
CA GLY B 314 -13.46 -29.58 -1.73
C GLY B 314 -14.41 -28.63 -2.44
N ARG B 315 -15.43 -28.17 -1.73
N ARG B 315 -15.43 -28.17 -1.73
CA ARG B 315 -16.42 -27.25 -2.30
CA ARG B 315 -16.42 -27.25 -2.30
C ARG B 315 -15.91 -25.81 -2.19
C ARG B 315 -15.94 -25.81 -2.17
N VAL B 316 -16.48 -24.94 -3.00
CA VAL B 316 -16.11 -23.52 -2.99
C VAL B 316 -17.08 -22.82 -2.04
N ALA B 317 -16.62 -22.51 -0.84
CA ALA B 317 -17.45 -21.85 0.15
C ALA B 317 -17.34 -20.32 0.04
N PRO B 318 -18.47 -19.62 0.12
CA PRO B 318 -18.47 -18.16 0.03
C PRO B 318 -17.80 -17.55 1.26
N ARG B 319 -16.95 -16.55 1.05
CA ARG B 319 -16.24 -15.91 2.16
C ARG B 319 -16.56 -14.42 2.30
N ARG B 320 -16.47 -13.70 1.18
CA ARG B 320 -16.76 -12.26 1.19
C ARG B 320 -17.37 -11.94 -0.16
N LEU B 321 -18.66 -11.63 -0.16
CA LEU B 321 -19.35 -11.35 -1.41
C LEU B 321 -19.71 -9.89 -1.68
N VAL B 322 -19.84 -9.57 -2.96
CA VAL B 322 -20.21 -8.24 -3.40
C VAL B 322 -21.73 -8.14 -3.25
N VAL B 323 -22.21 -7.00 -2.79
CA VAL B 323 -23.64 -6.79 -2.58
C VAL B 323 -24.45 -6.97 -3.85
N GLU B 324 -25.62 -7.60 -3.72
CA GLU B 324 -26.50 -7.84 -4.85
C GLU B 324 -27.83 -7.11 -4.66
N TYR B 325 -28.26 -6.39 -5.70
CA TYR B 325 -29.52 -5.65 -5.66
S SO4 C . -0.75 16.72 8.48
O1 SO4 C . -0.65 17.74 7.43
O2 SO4 C . -2.10 16.12 8.46
O3 SO4 C . 0.26 15.67 8.23
O4 SO4 C . -0.50 17.33 9.80
S SO4 D . -11.54 18.84 -0.52
O1 SO4 D . -10.52 19.00 -1.59
O2 SO4 D . -12.39 17.67 -0.82
O3 SO4 D . -10.85 18.63 0.78
O4 SO4 D . -12.36 20.05 -0.45
S SO4 E . -6.13 20.05 -3.09
O1 SO4 E . -5.96 19.48 -4.45
O2 SO4 E . -7.09 19.25 -2.33
O3 SO4 E . -4.82 20.05 -2.40
O4 SO4 E . -6.62 21.44 -3.19
S SO4 F . -19.84 -26.73 -13.10
O1 SO4 F . -21.26 -27.11 -13.10
O2 SO4 F . -19.58 -25.84 -11.94
O3 SO4 F . -19.01 -27.94 -12.98
O4 SO4 F . -19.51 -26.02 -14.35
S SO4 G . 21.58 20.27 4.86
O1 SO4 G . 20.88 19.12 5.46
O2 SO4 G . 22.45 20.90 5.87
O3 SO4 G . 22.39 19.82 3.72
O4 SO4 G . 20.58 21.25 4.40
S SO4 H . -22.77 -31.80 -3.90
O1 SO4 H . -22.90 -32.72 -5.04
O2 SO4 H . -24.06 -31.73 -3.18
O3 SO4 H . -21.72 -32.27 -2.99
O4 SO4 H . -22.42 -30.45 -4.40
S SO4 I . -4.62 -2.70 26.97
O1 SO4 I . -3.37 -2.58 27.76
O2 SO4 I . -4.31 -3.32 25.66
O3 SO4 I . -5.58 -3.54 27.71
O4 SO4 I . -5.20 -1.36 26.75
S SO4 J . 12.09 7.59 -8.61
O1 SO4 J . 12.78 8.87 -8.44
O2 SO4 J . 13.04 6.54 -8.99
O3 SO4 J . 11.44 7.24 -7.34
O4 SO4 J . 11.06 7.72 -9.67
S SO4 K . 20.82 4.89 20.44
O1 SO4 K . 21.68 3.92 19.73
O2 SO4 K . 20.75 4.55 21.87
O3 SO4 K . 21.36 6.25 20.27
O4 SO4 K . 19.46 4.84 19.86
S SO4 L . -28.04 -16.16 -9.88
O1 SO4 L . -27.27 -15.60 -11.00
O2 SO4 L . -28.84 -17.31 -10.35
O3 SO4 L . -27.10 -16.61 -8.83
O4 SO4 L . -28.93 -15.13 -9.33
#